data_3PR4
#
_entry.id   3PR4
#
_cell.length_a   96.347
_cell.length_b   102.004
_cell.length_c   52.226
_cell.angle_alpha   90.00
_cell.angle_beta   90.00
_cell.angle_gamma   90.00
#
_symmetry.space_group_name_H-M   'P 21 21 2'
#
loop_
_entity.id
_entity.type
_entity.pdbx_description
1 polymer 'DNA polymerase IV'
2 polymer "DNA (5'-D(*GP*GP*GP*GP*GP*AP*AP*GP*GP*AP*CP*TP*C)-3')"
3 polymer "DNA (5'-D(*TP*TP*CP*AP*TP*GP*AP*GP*TP*CP*CP*TP*TP*CP*CP*CP*CP*C)-3')"
4 non-polymer "ADENOSINE-5'-TRIPHOSPHATE"
5 non-polymer 'CALCIUM ION'
6 water water
#
loop_
_entity_poly.entity_id
_entity_poly.type
_entity_poly.pdbx_seq_one_letter_code
_entity_poly.pdbx_strand_id
1 'polypeptide(L)'
;MIVLFVDFDYFAAQVEEVLNPSLKGKPVVVCVFSGRFEDSGAVATANYEARKFGVKAGIPIVEAKKILPNAVYLPMRKEV
YQQVSSRIMNLLREYSEKIEIASIDEAYLDISDKVRDYREAYNLGLEIKNKILEKEKITVTVGISKNKVFAKIAADMAKP
NGIKVIDDEEVKRLIRELDIADVPGIGNITAEKLKKLGINKLVDTLSIEFDKLKGMIGEAKAKYLISLARDEYNEPIRTR
VRKSIGRIVTMKRNSRNLEEIKPYLFRAIEESYYKLDKRIPKAIHVVAVTEDLDIVSRGRTFPHGISKETAYSESVKLLQ
KILEEDERKIRRIGVRFSKFI
;
A
2 'polydeoxyribonucleotide' (DG)(DG)(DG)(DG)(DG)(DA)(DA)(DG)(DG)(DA)(DC)(DT)(DC) P
3 'polydeoxyribonucleotide' (DT)(DT)(DC)(DA)(DT)(DG)(DA)(DG)(DT)(DC)(DC)(DT)(DT)(DC)(DC)(DC)(DC)(DC) T
#
loop_
_chem_comp.id
_chem_comp.type
_chem_comp.name
_chem_comp.formula
ATP non-polymer ADENOSINE-5'-TRIPHOSPHATE 'C10 H16 N5 O13 P3'
CA non-polymer 'CALCIUM ION' 'Ca 2'
DA DNA linking 2'-DEOXYADENOSINE-5'-MONOPHOSPHATE 'C10 H14 N5 O6 P'
DC DNA linking 2'-DEOXYCYTIDINE-5'-MONOPHOSPHATE 'C9 H14 N3 O7 P'
DG DNA linking 2'-DEOXYGUANOSINE-5'-MONOPHOSPHATE 'C10 H14 N5 O7 P'
DT DNA linking THYMIDINE-5'-MONOPHOSPHATE 'C10 H15 N2 O8 P'
#
# COMPACT_ATOMS: atom_id res chain seq x y z
N MET A 1 -11.15 -23.21 -3.12
CA MET A 1 -11.52 -21.83 -2.81
C MET A 1 -11.68 -20.91 -4.03
N ILE A 2 -12.65 -20.01 -3.98
CA ILE A 2 -12.83 -19.00 -5.03
C ILE A 2 -12.72 -17.64 -4.41
N VAL A 3 -11.80 -16.83 -4.92
CA VAL A 3 -11.51 -15.53 -4.32
C VAL A 3 -11.74 -14.43 -5.34
N LEU A 4 -12.46 -13.40 -4.91
CA LEU A 4 -12.77 -12.25 -5.76
C LEU A 4 -12.15 -11.02 -5.12
N PHE A 5 -11.14 -10.50 -5.80
CA PHE A 5 -10.37 -9.39 -5.30
C PHE A 5 -10.89 -8.15 -5.99
N VAL A 6 -11.04 -7.08 -5.25
CA VAL A 6 -11.50 -5.81 -5.80
C VAL A 6 -10.42 -4.72 -5.63
N ASP A 7 -10.16 -3.97 -6.70
CA ASP A 7 -9.12 -2.96 -6.69
C ASP A 7 -9.55 -1.65 -7.39
N PHE A 8 -9.95 -0.64 -6.61
CA PHE A 8 -10.47 0.62 -7.17
C PHE A 8 -9.48 1.24 -8.17
N ASP A 9 -9.97 1.72 -9.29
CA ASP A 9 -9.08 2.27 -10.33
C ASP A 9 -8.50 3.64 -9.95
N TYR A 10 -7.20 3.79 -10.18
CA TYR A 10 -6.44 4.99 -9.83
C TYR A 10 -7.15 5.83 -8.76
N PHE A 11 -7.41 5.18 -7.62
CA PHE A 11 -8.40 5.65 -6.62
C PHE A 11 -8.45 7.15 -6.27
N ALA A 12 -7.33 7.73 -5.85
CA ALA A 12 -7.36 9.09 -5.33
C ALA A 12 -7.82 10.05 -6.43
N ALA A 13 -7.25 9.90 -7.62
CA ALA A 13 -7.62 10.72 -8.75
C ALA A 13 -9.08 10.50 -9.16
N GLN A 14 -9.49 9.25 -9.35
CA GLN A 14 -10.87 8.95 -9.71
C GLN A 14 -11.86 9.59 -8.74
N VAL A 15 -11.54 9.57 -7.45
CA VAL A 15 -12.35 10.27 -6.46
C VAL A 15 -12.34 11.78 -6.72
N GLU A 16 -11.20 12.33 -7.15
CA GLU A 16 -11.15 13.78 -7.42
C GLU A 16 -12.02 14.11 -8.63
N GLU A 17 -12.06 13.18 -9.57
CA GLU A 17 -12.90 13.33 -10.73
C GLU A 17 -14.34 13.32 -10.32
N VAL A 18 -14.70 12.38 -9.45
CA VAL A 18 -16.09 12.22 -9.06
C VAL A 18 -16.65 13.45 -8.34
N LEU A 19 -15.83 14.14 -7.54
CA LEU A 19 -16.31 15.34 -6.88
C LEU A 19 -16.32 16.53 -7.85
N ASN A 20 -15.53 16.42 -8.92
CA ASN A 20 -15.35 17.50 -9.88
C ASN A 20 -15.18 16.96 -11.31
N PRO A 21 -16.28 16.51 -11.92
CA PRO A 21 -16.29 15.80 -13.20
C PRO A 21 -15.54 16.53 -14.30
N SER A 22 -15.44 17.86 -14.22
CA SER A 22 -14.83 18.61 -15.32
C SER A 22 -13.38 18.17 -15.52
N LEU A 23 -12.91 17.34 -14.58
CA LEU A 23 -11.58 16.73 -14.66
C LEU A 23 -11.57 15.49 -15.57
N LYS A 24 -12.74 14.94 -15.87
CA LYS A 24 -12.83 13.75 -16.71
C LYS A 24 -12.03 13.95 -18.00
N GLY A 25 -11.17 12.99 -18.34
CA GLY A 25 -10.48 13.04 -19.61
C GLY A 25 -9.16 13.78 -19.60
N LYS A 26 -9.01 14.75 -18.70
CA LYS A 26 -7.77 15.53 -18.61
C LYS A 26 -6.78 14.81 -17.68
N PRO A 27 -5.47 14.90 -17.96
CA PRO A 27 -4.47 14.23 -17.11
C PRO A 27 -4.48 14.83 -15.71
N VAL A 28 -4.71 14.01 -14.69
CA VAL A 28 -4.80 14.48 -13.31
C VAL A 28 -3.67 13.92 -12.48
N VAL A 29 -3.01 14.79 -11.72
CA VAL A 29 -1.92 14.35 -10.86
C VAL A 29 -2.13 14.84 -9.44
N VAL A 30 -2.33 13.89 -8.53
CA VAL A 30 -2.55 14.18 -7.12
C VAL A 30 -1.22 14.11 -6.39
N CYS A 31 -0.92 15.16 -5.64
CA CYS A 31 0.44 15.29 -5.14
C CYS A 31 0.47 15.51 -3.66
N VAL A 32 1.59 15.11 -3.06
CA VAL A 32 1.88 15.39 -1.67
C VAL A 32 2.96 16.45 -1.65
N PHE A 33 2.61 17.71 -1.36
CA PHE A 33 3.60 18.79 -1.36
C PHE A 33 4.35 18.78 -0.03
N SER A 34 5.67 18.89 -0.10
CA SER A 34 6.47 18.65 1.09
C SER A 34 6.75 19.93 1.89
N GLY A 35 6.79 21.06 1.20
CA GLY A 35 6.98 22.34 1.87
C GLY A 35 8.35 22.97 1.69
N ARG A 36 9.38 22.16 1.53
CA ARG A 36 10.74 22.65 1.39
C ARG A 36 10.87 23.76 0.36
N PHE A 37 10.28 23.57 -0.80
CA PHE A 37 10.31 24.60 -1.82
C PHE A 37 9.08 24.54 -2.73
N GLU A 38 9.04 25.47 -3.68
CA GLU A 38 8.01 25.50 -4.71
C GLU A 38 7.98 24.17 -5.45
N ASP A 39 6.93 23.40 -5.22
CA ASP A 39 6.73 22.15 -5.96
C ASP A 39 7.50 20.95 -5.43
N SER A 40 8.22 21.12 -4.33
CA SER A 40 8.87 20.00 -3.69
C SER A 40 7.80 18.98 -3.33
N GLY A 41 8.15 17.70 -3.36
CA GLY A 41 7.19 16.67 -3.02
C GLY A 41 7.16 15.58 -4.06
N ALA A 42 6.13 14.75 -4.02
CA ALA A 42 6.05 13.60 -4.92
C ALA A 42 4.65 13.39 -5.48
N VAL A 43 4.56 12.57 -6.52
CA VAL A 43 3.25 12.17 -7.03
C VAL A 43 2.71 11.03 -6.16
N ALA A 44 1.46 11.13 -5.73
CA ALA A 44 0.86 10.05 -4.96
C ALA A 44 0.20 9.11 -5.93
N THR A 45 -0.63 9.66 -6.81
CA THR A 45 -1.23 8.90 -7.89
C THR A 45 -1.67 9.83 -9.02
N ALA A 46 -1.72 9.28 -10.23
CA ALA A 46 -2.16 10.02 -11.39
C ALA A 46 -3.20 9.17 -12.11
N ASN A 47 -4.19 9.81 -12.75
CA ASN A 47 -5.10 9.06 -13.61
C ASN A 47 -4.38 8.52 -14.85
N TYR A 48 -5.09 7.77 -15.69
CA TYR A 48 -4.42 7.11 -16.80
C TYR A 48 -3.96 8.04 -17.93
N GLU A 49 -4.72 9.11 -18.20
CA GLU A 49 -4.25 10.13 -19.14
C GLU A 49 -2.85 10.55 -18.72
N ALA A 50 -2.72 10.87 -17.44
CA ALA A 50 -1.43 11.20 -16.83
C ALA A 50 -0.44 10.06 -16.93
N ARG A 51 -0.86 8.87 -16.51
CA ARG A 51 0.02 7.70 -16.52
C ARG A 51 0.55 7.42 -17.93
N LYS A 52 -0.28 7.60 -18.93
CA LYS A 52 0.11 7.30 -20.31
C LYS A 52 1.43 7.96 -20.74
N PHE A 53 1.85 9.02 -20.03
CA PHE A 53 3.05 9.76 -20.45
C PHE A 53 4.21 9.63 -19.48
N GLY A 54 4.13 8.67 -18.57
CA GLY A 54 5.25 8.39 -17.71
C GLY A 54 5.10 9.10 -16.40
N VAL A 55 3.92 9.66 -16.17
CA VAL A 55 3.64 10.33 -14.92
C VAL A 55 2.95 9.36 -13.95
N LYS A 56 3.75 8.70 -13.12
CA LYS A 56 3.18 7.75 -12.15
C LYS A 56 3.58 8.00 -10.70
N ALA A 57 2.94 7.26 -9.79
CA ALA A 57 3.23 7.34 -8.36
C ALA A 57 4.71 7.31 -8.09
N GLY A 58 5.16 8.22 -7.24
CA GLY A 58 6.52 8.13 -6.72
C GLY A 58 7.54 9.10 -7.26
N ILE A 59 7.33 9.64 -8.44
CA ILE A 59 8.30 10.58 -9.01
C ILE A 59 8.15 11.98 -8.40
N PRO A 60 9.22 12.80 -8.44
CA PRO A 60 9.12 14.20 -8.01
C PRO A 60 8.02 14.94 -8.76
N ILE A 61 7.43 15.94 -8.12
CA ILE A 61 6.38 16.73 -8.75
C ILE A 61 6.98 17.57 -9.88
N VAL A 62 8.19 18.07 -9.64
CA VAL A 62 8.91 18.91 -10.62
C VAL A 62 9.15 18.17 -11.95
N GLU A 63 9.59 16.92 -11.86
CA GLU A 63 9.62 16.03 -13.02
C GLU A 63 8.29 16.00 -13.77
N ALA A 64 7.23 15.65 -13.06
CA ALA A 64 5.93 15.50 -13.70
C ALA A 64 5.55 16.76 -14.47
N LYS A 65 5.97 17.90 -13.97
CA LYS A 65 5.57 19.13 -14.61
C LYS A 65 6.32 19.40 -15.92
N LYS A 66 7.58 18.95 -16.00
CA LYS A 66 8.31 18.98 -17.25
C LYS A 66 7.58 18.13 -18.30
N ILE A 67 7.26 16.89 -17.93
CA ILE A 67 6.49 15.99 -18.78
C ILE A 67 5.10 16.53 -19.09
N LEU A 68 4.37 16.95 -18.07
CA LEU A 68 3.00 17.39 -18.26
C LEU A 68 2.72 18.76 -17.67
N PRO A 69 3.22 19.83 -18.33
CA PRO A 69 3.15 21.12 -17.64
C PRO A 69 1.75 21.69 -17.55
N ASN A 70 0.79 21.19 -18.31
CA ASN A 70 -0.57 21.70 -18.20
C ASN A 70 -1.56 20.67 -17.68
N ALA A 71 -1.07 19.65 -16.98
CA ALA A 71 -1.98 18.69 -16.37
C ALA A 71 -2.49 19.35 -15.11
N VAL A 72 -3.65 18.92 -14.64
CA VAL A 72 -4.20 19.41 -13.38
C VAL A 72 -3.47 18.79 -12.19
N TYR A 73 -2.84 19.62 -11.36
CA TYR A 73 -2.12 19.12 -10.18
C TYR A 73 -2.90 19.38 -8.89
N LEU A 74 -3.28 18.33 -8.20
CA LEU A 74 -4.03 18.52 -6.96
C LEU A 74 -3.32 17.93 -5.77
N PRO A 75 -3.49 18.57 -4.59
CA PRO A 75 -2.90 18.05 -3.36
C PRO A 75 -3.72 16.86 -2.85
N MET A 76 -3.01 15.90 -2.27
CA MET A 76 -3.63 14.77 -1.63
C MET A 76 -4.67 15.18 -0.61
N ARG A 77 -5.85 14.57 -0.68
CA ARG A 77 -6.89 14.76 0.35
C ARG A 77 -7.30 13.40 0.95
N LYS A 78 -6.34 12.80 1.65
CA LYS A 78 -6.49 11.49 2.26
C LYS A 78 -7.84 11.24 2.91
N GLU A 79 -8.23 12.15 3.78
CA GLU A 79 -9.44 12.00 4.57
C GLU A 79 -10.68 11.85 3.67
N VAL A 80 -10.65 12.50 2.51
CA VAL A 80 -11.73 12.38 1.53
C VAL A 80 -11.83 11.00 0.90
N TYR A 81 -10.72 10.53 0.33
CA TYR A 81 -10.70 9.23 -0.33
C TYR A 81 -11.00 8.13 0.69
N GLN A 82 -10.63 8.37 1.94
CA GLN A 82 -10.86 7.41 3.00
C GLN A 82 -12.36 7.25 3.28
N GLN A 83 -13.07 8.38 3.39
CA GLN A 83 -14.50 8.35 3.61
C GLN A 83 -15.18 7.68 2.43
N VAL A 84 -14.76 8.03 1.22
CA VAL A 84 -15.30 7.35 0.06
C VAL A 84 -15.00 5.85 0.09
N SER A 85 -13.77 5.50 0.47
CA SER A 85 -13.39 4.10 0.57
C SER A 85 -14.33 3.34 1.51
N SER A 86 -14.61 3.91 2.66
CA SER A 86 -15.43 3.19 3.63
C SER A 86 -16.79 2.78 3.09
N ARG A 87 -17.43 3.68 2.36
CA ARG A 87 -18.76 3.42 1.84
C ARG A 87 -18.68 2.28 0.84
N ILE A 88 -17.67 2.32 0.00
CA ILE A 88 -17.50 1.21 -0.94
C ILE A 88 -17.27 -0.12 -0.21
N MET A 89 -16.36 -0.13 0.76
CA MET A 89 -16.09 -1.33 1.53
C MET A 89 -17.38 -1.88 2.13
N ASN A 90 -18.20 -0.99 2.68
CA ASN A 90 -19.52 -1.37 3.16
C ASN A 90 -20.35 -2.06 2.07
N LEU A 91 -20.35 -1.54 0.86
CA LEU A 91 -21.00 -2.23 -0.24
C LEU A 91 -20.54 -3.70 -0.33
N LEU A 92 -19.23 -3.90 -0.35
CA LEU A 92 -18.69 -5.23 -0.59
C LEU A 92 -19.12 -6.24 0.46
N ARG A 93 -19.43 -5.75 1.66
CA ARG A 93 -19.83 -6.65 2.75
C ARG A 93 -21.19 -7.28 2.50
N GLU A 94 -21.94 -6.74 1.55
CA GLU A 94 -23.21 -7.31 1.18
C GLU A 94 -23.01 -8.65 0.48
N TYR A 95 -21.78 -8.89 0.02
CA TYR A 95 -21.49 -10.05 -0.83
C TYR A 95 -20.69 -11.15 -0.14
N SER A 96 -20.18 -10.88 1.06
CA SER A 96 -19.50 -11.91 1.83
C SER A 96 -19.16 -11.49 3.25
N GLU A 97 -19.28 -12.45 4.16
CA GLU A 97 -18.87 -12.27 5.55
C GLU A 97 -17.36 -12.45 5.64
N LYS A 98 -16.83 -13.30 4.76
CA LYS A 98 -15.39 -13.49 4.62
C LYS A 98 -14.76 -12.37 3.77
N ILE A 99 -14.34 -11.27 4.41
CA ILE A 99 -13.79 -10.15 3.66
C ILE A 99 -12.54 -9.47 4.26
N GLU A 100 -11.48 -9.41 3.47
CA GLU A 100 -10.23 -8.81 3.92
C GLU A 100 -10.05 -7.48 3.25
N ILE A 101 -10.15 -6.41 4.05
CA ILE A 101 -9.81 -5.08 3.58
C ILE A 101 -8.30 -4.91 3.72
N ALA A 102 -7.62 -4.92 2.57
CA ALA A 102 -6.16 -5.01 2.57
C ALA A 102 -5.51 -3.64 2.66
N SER A 103 -6.18 -2.64 2.12
CA SER A 103 -5.72 -1.27 2.16
C SER A 103 -6.88 -0.40 1.78
N ILE A 104 -6.61 0.88 1.63
CA ILE A 104 -7.66 1.83 1.36
C ILE A 104 -8.48 1.49 0.11
N ASP A 105 -7.93 0.70 -0.80
CA ASP A 105 -8.67 0.45 -2.02
C ASP A 105 -8.56 -0.97 -2.50
N GLU A 106 -8.43 -1.90 -1.55
CA GLU A 106 -8.26 -3.29 -1.91
C GLU A 106 -9.01 -4.18 -0.95
N ALA A 107 -9.82 -5.06 -1.52
CA ALA A 107 -10.56 -6.01 -0.70
C ALA A 107 -10.55 -7.41 -1.30
N TYR A 108 -10.23 -8.39 -0.48
CA TYR A 108 -10.35 -9.78 -0.90
C TYR A 108 -11.66 -10.30 -0.36
N LEU A 109 -12.45 -10.91 -1.24
CA LEU A 109 -13.69 -11.51 -0.81
C LEU A 109 -13.65 -12.99 -1.10
N ASP A 110 -13.86 -13.79 -0.06
CA ASP A 110 -13.91 -15.24 -0.22
C ASP A 110 -15.32 -15.62 -0.61
N ILE A 111 -15.52 -15.97 -1.87
CA ILE A 111 -16.88 -16.22 -2.34
C ILE A 111 -17.16 -17.70 -2.59
N SER A 112 -16.40 -18.55 -1.90
CA SER A 112 -16.45 -20.00 -2.05
C SER A 112 -17.83 -20.57 -1.78
N ASP A 113 -18.45 -20.10 -0.70
CA ASP A 113 -19.76 -20.57 -0.27
C ASP A 113 -20.86 -19.70 -0.87
N LYS A 114 -20.54 -18.89 -1.88
CA LYS A 114 -21.54 -18.02 -2.51
C LYS A 114 -21.65 -18.26 -4.02
N VAL A 115 -20.66 -18.92 -4.60
CA VAL A 115 -20.74 -19.31 -6.01
C VAL A 115 -20.31 -20.76 -6.17
N ARG A 116 -20.83 -21.43 -7.20
CA ARG A 116 -20.60 -22.86 -7.35
C ARG A 116 -19.43 -23.17 -8.29
N ASP A 117 -19.09 -22.20 -9.13
CA ASP A 117 -18.01 -22.31 -10.11
C ASP A 117 -17.56 -20.91 -10.55
N TYR A 118 -16.52 -20.82 -11.38
CA TYR A 118 -15.98 -19.51 -11.78
C TYR A 118 -16.99 -18.70 -12.61
N ARG A 119 -17.82 -19.40 -13.40
CA ARG A 119 -18.81 -18.74 -14.24
C ARG A 119 -19.72 -17.88 -13.39
N GLU A 120 -20.18 -18.48 -12.30
CA GLU A 120 -20.97 -17.77 -11.31
C GLU A 120 -20.16 -16.66 -10.61
N ALA A 121 -18.86 -16.89 -10.41
CA ALA A 121 -17.99 -15.91 -9.77
C ALA A 121 -17.82 -14.68 -10.63
N TYR A 122 -17.59 -14.88 -11.91
CA TYR A 122 -17.37 -13.79 -12.83
C TYR A 122 -18.61 -12.94 -12.82
N ASN A 123 -19.76 -13.61 -12.72
CA ASN A 123 -21.04 -12.94 -12.76
C ASN A 123 -21.22 -12.04 -11.55
N LEU A 124 -20.79 -12.54 -10.40
CA LEU A 124 -20.85 -11.78 -9.17
C LEU A 124 -19.92 -10.58 -9.26
N GLY A 125 -18.83 -10.73 -10.00
CA GLY A 125 -17.88 -9.65 -10.16
C GLY A 125 -18.51 -8.54 -10.96
N LEU A 126 -19.22 -8.95 -12.00
CA LEU A 126 -19.99 -8.05 -12.83
C LEU A 126 -21.01 -7.32 -11.98
N GLU A 127 -21.64 -8.06 -11.07
CA GLU A 127 -22.71 -7.53 -10.24
C GLU A 127 -22.19 -6.57 -9.19
N ILE A 128 -20.96 -6.84 -8.73
CA ILE A 128 -20.33 -5.97 -7.76
C ILE A 128 -19.86 -4.68 -8.44
N LYS A 129 -19.20 -4.80 -9.59
CA LYS A 129 -18.74 -3.61 -10.29
C LYS A 129 -19.90 -2.65 -10.49
N ASN A 130 -21.05 -3.21 -10.84
CA ASN A 130 -22.26 -2.40 -11.04
C ASN A 130 -22.74 -1.73 -9.75
N LYS A 131 -22.89 -2.50 -8.69
CA LYS A 131 -23.32 -1.96 -7.41
C LYS A 131 -22.54 -0.69 -7.09
N ILE A 132 -21.23 -0.76 -7.23
CA ILE A 132 -20.33 0.35 -6.90
C ILE A 132 -20.52 1.48 -7.89
N LEU A 133 -20.57 1.14 -9.16
CA LEU A 133 -20.79 2.14 -10.20
C LEU A 133 -22.11 2.87 -9.98
N GLU A 134 -23.19 2.10 -9.76
CA GLU A 134 -24.48 2.69 -9.42
C GLU A 134 -24.34 3.62 -8.21
N LYS A 135 -24.00 3.04 -7.06
CA LYS A 135 -23.98 3.76 -5.80
C LYS A 135 -22.99 4.92 -5.71
N GLU A 136 -21.79 4.74 -6.27
CA GLU A 136 -20.71 5.72 -6.07
C GLU A 136 -20.04 6.25 -7.33
N LYS A 137 -20.36 5.65 -8.48
CA LYS A 137 -19.80 6.11 -9.76
C LYS A 137 -18.30 5.91 -9.75
N ILE A 138 -17.86 4.91 -9.00
CA ILE A 138 -16.45 4.59 -8.97
C ILE A 138 -16.25 3.25 -9.64
N THR A 139 -15.44 3.23 -10.69
CA THR A 139 -15.09 2.00 -11.36
C THR A 139 -13.97 1.29 -10.62
N VAL A 140 -13.90 -0.03 -10.81
CA VAL A 140 -12.93 -0.88 -10.14
C VAL A 140 -12.51 -2.05 -11.03
N THR A 141 -11.49 -2.76 -10.63
CA THR A 141 -11.13 -3.99 -11.32
C THR A 141 -11.32 -5.23 -10.42
N VAL A 142 -11.96 -6.26 -10.98
CA VAL A 142 -12.20 -7.48 -10.24
C VAL A 142 -11.27 -8.57 -10.76
N GLY A 143 -10.54 -9.22 -9.85
CA GLY A 143 -9.67 -10.33 -10.18
C GLY A 143 -10.16 -11.55 -9.43
N ILE A 144 -10.29 -12.67 -10.14
CA ILE A 144 -10.83 -13.90 -9.56
C ILE A 144 -9.92 -15.10 -9.83
N SER A 145 -9.58 -15.83 -8.76
CA SER A 145 -8.78 -17.03 -8.87
C SER A 145 -8.88 -17.87 -7.59
N LYS A 146 -7.98 -18.82 -7.41
CA LYS A 146 -8.14 -19.85 -6.39
C LYS A 146 -7.53 -19.44 -5.06
N ASN A 147 -6.55 -18.54 -5.08
CA ASN A 147 -5.99 -17.96 -3.87
C ASN A 147 -5.82 -16.45 -4.02
N LYS A 148 -5.48 -15.81 -2.91
CA LYS A 148 -5.38 -14.36 -2.87
C LYS A 148 -4.37 -13.83 -3.88
N VAL A 149 -3.20 -14.47 -3.95
CA VAL A 149 -2.13 -13.98 -4.79
C VAL A 149 -2.51 -13.91 -6.26
N PHE A 150 -3.22 -14.93 -6.74
CA PHE A 150 -3.54 -14.95 -8.16
C PHE A 150 -4.73 -14.08 -8.44
N ALA A 151 -5.70 -14.09 -7.53
CA ALA A 151 -6.76 -13.10 -7.57
C ALA A 151 -6.21 -11.69 -7.87
N LYS A 152 -5.14 -11.31 -7.18
CA LYS A 152 -4.55 -9.98 -7.40
C LYS A 152 -3.79 -9.82 -8.71
N ILE A 153 -2.97 -10.82 -9.04
CA ILE A 153 -2.31 -10.86 -10.33
C ILE A 153 -3.35 -10.80 -11.46
N ALA A 154 -4.49 -11.46 -11.27
CA ALA A 154 -5.58 -11.30 -12.23
C ALA A 154 -5.88 -9.81 -12.40
N ALA A 155 -6.21 -9.15 -11.29
CA ALA A 155 -6.51 -7.71 -11.34
C ALA A 155 -5.36 -6.89 -11.91
N ASP A 156 -4.12 -7.22 -11.55
CA ASP A 156 -2.97 -6.53 -12.12
C ASP A 156 -3.01 -6.59 -13.65
N MET A 157 -3.65 -7.63 -14.16
CA MET A 157 -3.71 -7.83 -15.59
C MET A 157 -4.88 -7.08 -16.23
N ALA A 158 -6.03 -7.09 -15.58
CA ALA A 158 -7.24 -6.57 -16.19
C ALA A 158 -7.51 -5.09 -15.97
N LYS A 159 -6.65 -4.37 -15.26
CA LYS A 159 -7.01 -3.00 -14.91
C LYS A 159 -6.59 -2.03 -16.00
N PRO A 160 -7.36 -0.95 -16.19
CA PRO A 160 -8.55 -0.51 -15.43
C PRO A 160 -9.93 -1.03 -15.88
N ASN A 161 -10.94 -0.72 -15.08
CA ASN A 161 -12.34 -1.04 -15.39
C ASN A 161 -12.57 -2.50 -15.81
N GLY A 162 -11.62 -3.37 -15.49
CA GLY A 162 -11.65 -4.74 -15.96
C GLY A 162 -12.19 -5.79 -15.00
N ILE A 163 -12.36 -6.99 -15.54
CA ILE A 163 -12.68 -8.17 -14.75
C ILE A 163 -12.08 -9.41 -15.40
N LYS A 164 -11.20 -10.11 -14.69
CA LYS A 164 -10.52 -11.28 -15.24
C LYS A 164 -10.54 -12.46 -14.29
N VAL A 165 -10.56 -13.66 -14.86
CA VAL A 165 -10.56 -14.89 -14.07
C VAL A 165 -9.40 -15.78 -14.46
N ILE A 166 -8.54 -16.09 -13.50
CA ILE A 166 -7.45 -17.02 -13.78
C ILE A 166 -7.83 -18.41 -13.30
N ASP A 167 -8.32 -19.25 -14.22
CA ASP A 167 -8.74 -20.62 -13.88
C ASP A 167 -7.57 -21.53 -13.47
N ASP A 168 -7.92 -22.70 -12.95
CA ASP A 168 -6.92 -23.63 -12.44
C ASP A 168 -5.88 -23.95 -13.49
N GLU A 169 -6.28 -23.91 -14.76
CA GLU A 169 -5.32 -24.22 -15.82
C GLU A 169 -4.40 -23.01 -16.14
N GLU A 170 -4.95 -21.80 -16.15
CA GLU A 170 -4.11 -20.61 -16.36
C GLU A 170 -3.10 -20.44 -15.23
N VAL A 171 -3.48 -20.83 -14.02
CA VAL A 171 -2.55 -20.78 -12.89
C VAL A 171 -1.26 -21.53 -13.21
N LYS A 172 -1.37 -22.73 -13.76
CA LYS A 172 -0.20 -23.53 -14.07
C LYS A 172 0.58 -22.93 -15.24
N ARG A 173 -0.16 -22.44 -16.23
CA ARG A 173 0.45 -21.66 -17.30
C ARG A 173 1.33 -20.56 -16.69
N LEU A 174 0.75 -19.75 -15.80
CA LEU A 174 1.46 -18.61 -15.23
C LEU A 174 2.64 -19.01 -14.35
N ILE A 175 2.48 -20.13 -13.65
CA ILE A 175 3.51 -20.62 -12.77
C ILE A 175 4.75 -20.91 -13.59
N ARG A 176 4.55 -21.13 -14.89
CA ARG A 176 5.68 -21.44 -15.76
C ARG A 176 6.07 -20.23 -16.62
N GLU A 177 5.08 -19.49 -17.09
CA GLU A 177 5.30 -18.37 -17.98
C GLU A 177 5.52 -16.99 -17.32
N LEU A 178 4.74 -16.68 -16.29
CA LEU A 178 4.76 -15.33 -15.70
C LEU A 178 6.11 -14.89 -15.12
N ASP A 179 6.56 -13.71 -15.51
CA ASP A 179 7.79 -13.18 -14.94
C ASP A 179 7.66 -13.05 -13.42
N ILE A 180 8.56 -13.71 -12.71
CA ILE A 180 8.48 -13.77 -11.26
C ILE A 180 8.54 -12.40 -10.64
N ALA A 181 9.00 -11.42 -11.41
CA ALA A 181 9.11 -10.04 -10.94
C ALA A 181 7.73 -9.42 -10.77
N ASP A 182 6.73 -10.02 -11.40
CA ASP A 182 5.37 -9.54 -11.31
C ASP A 182 4.59 -10.25 -10.22
N VAL A 183 5.28 -11.04 -9.42
CA VAL A 183 4.66 -11.71 -8.27
C VAL A 183 4.55 -10.75 -7.09
N PRO A 184 3.32 -10.56 -6.59
CA PRO A 184 3.14 -9.68 -5.42
C PRO A 184 4.18 -9.98 -4.36
N GLY A 185 4.89 -8.95 -3.94
CA GLY A 185 5.85 -9.09 -2.86
C GLY A 185 7.26 -9.23 -3.34
N ILE A 186 7.44 -9.15 -4.66
CA ILE A 186 8.78 -9.19 -5.24
C ILE A 186 9.20 -7.82 -5.79
N GLY A 187 10.02 -7.10 -5.03
CA GLY A 187 10.50 -5.79 -5.44
C GLY A 187 11.84 -5.91 -6.13
N ASN A 188 12.37 -4.81 -6.64
CA ASN A 188 13.64 -4.86 -7.36
C ASN A 188 14.73 -5.61 -6.60
N ILE A 189 14.99 -5.17 -5.37
CA ILE A 189 16.03 -5.78 -4.61
C ILE A 189 15.96 -7.30 -4.71
N THR A 190 14.77 -7.85 -4.46
CA THR A 190 14.56 -9.29 -4.48
C THR A 190 14.56 -9.82 -5.91
N ALA A 191 13.84 -9.14 -6.80
CA ALA A 191 13.80 -9.52 -8.21
C ALA A 191 15.21 -9.70 -8.74
N GLU A 192 16.09 -8.76 -8.42
CA GLU A 192 17.49 -8.88 -8.81
C GLU A 192 18.07 -10.16 -8.27
N LYS A 193 18.20 -10.26 -6.95
CA LYS A 193 18.68 -11.49 -6.31
C LYS A 193 18.18 -12.75 -7.01
N LEU A 194 16.92 -12.73 -7.45
CA LEU A 194 16.34 -13.87 -8.16
C LEU A 194 16.95 -14.08 -9.54
N LYS A 195 16.89 -13.07 -10.38
CA LYS A 195 17.63 -13.08 -11.63
C LYS A 195 19.03 -13.64 -11.38
N LYS A 196 19.66 -13.16 -10.31
CA LYS A 196 21.03 -13.54 -9.97
C LYS A 196 21.17 -15.05 -9.73
N LEU A 197 20.04 -15.72 -9.59
CA LEU A 197 20.07 -17.15 -9.37
C LEU A 197 19.51 -17.85 -10.59
N GLY A 198 19.33 -17.09 -11.67
CA GLY A 198 18.71 -17.59 -12.88
C GLY A 198 17.19 -17.67 -12.81
N ILE A 199 16.68 -17.54 -11.59
CA ILE A 199 15.26 -17.55 -11.34
C ILE A 199 14.56 -16.37 -12.00
N ASN A 200 13.74 -16.67 -12.99
CA ASN A 200 13.05 -15.65 -13.76
C ASN A 200 11.57 -15.98 -13.80
N LYS A 201 11.24 -17.20 -13.34
CA LYS A 201 9.86 -17.71 -13.30
C LYS A 201 9.60 -18.46 -12.00
N LEU A 202 8.32 -18.69 -11.67
CA LEU A 202 7.98 -19.41 -10.43
C LEU A 202 8.50 -20.85 -10.41
N VAL A 203 8.29 -21.57 -11.52
CA VAL A 203 8.76 -22.96 -11.64
C VAL A 203 10.22 -23.15 -11.20
N ASP A 204 11.07 -22.17 -11.50
CA ASP A 204 12.50 -22.32 -11.26
C ASP A 204 12.83 -22.61 -9.78
N THR A 205 11.98 -22.16 -8.87
CA THR A 205 12.25 -22.35 -7.44
C THR A 205 12.15 -23.82 -6.98
N LEU A 206 11.61 -24.67 -7.84
CA LEU A 206 11.41 -26.10 -7.55
C LEU A 206 12.63 -26.95 -7.90
N SER A 207 13.58 -26.32 -8.58
CA SER A 207 14.76 -27.00 -9.09
C SER A 207 15.97 -26.19 -8.71
N ILE A 208 16.07 -25.87 -7.42
CA ILE A 208 17.20 -25.16 -6.83
C ILE A 208 17.28 -25.47 -5.34
N GLU A 209 18.45 -25.95 -4.88
CA GLU A 209 18.66 -26.27 -3.48
C GLU A 209 18.05 -25.19 -2.58
N PHE A 210 17.06 -25.59 -1.78
CA PHE A 210 16.33 -24.65 -0.93
C PHE A 210 17.22 -23.65 -0.21
N ASP A 211 18.28 -24.13 0.42
CA ASP A 211 19.18 -23.27 1.18
C ASP A 211 19.80 -22.17 0.32
N LYS A 212 20.10 -22.51 -0.94
CA LYS A 212 20.62 -21.52 -1.87
C LYS A 212 19.59 -20.43 -2.02
N LEU A 213 18.33 -20.83 -2.00
CA LEU A 213 17.22 -19.90 -2.10
C LEU A 213 17.01 -19.19 -0.77
N LYS A 214 16.80 -19.96 0.29
CA LYS A 214 16.70 -19.39 1.61
C LYS A 214 17.84 -18.41 1.84
N GLY A 215 19.05 -18.81 1.46
CA GLY A 215 20.24 -18.03 1.69
C GLY A 215 20.14 -16.60 1.18
N MET A 216 19.56 -16.46 0.00
CA MET A 216 19.46 -15.16 -0.66
C MET A 216 18.31 -14.34 -0.13
N ILE A 217 17.11 -14.87 -0.33
CA ILE A 217 15.89 -14.12 -0.09
C ILE A 217 15.32 -14.37 1.28
N GLY A 218 15.83 -15.37 1.98
CA GLY A 218 15.34 -15.66 3.32
C GLY A 218 14.23 -16.69 3.32
N GLU A 219 13.95 -17.21 4.50
CA GLU A 219 13.00 -18.30 4.66
C GLU A 219 11.59 -17.98 4.13
N ALA A 220 10.94 -16.96 4.72
CA ALA A 220 9.53 -16.66 4.41
C ALA A 220 9.34 -16.44 2.92
N LYS A 221 10.25 -15.71 2.31
CA LYS A 221 10.09 -15.43 0.90
C LYS A 221 10.33 -16.71 0.06
N ALA A 222 11.25 -17.56 0.51
CA ALA A 222 11.54 -18.80 -0.20
C ALA A 222 10.37 -19.76 -0.13
N LYS A 223 9.83 -19.91 1.08
CA LYS A 223 8.67 -20.72 1.31
C LYS A 223 7.49 -20.20 0.51
N TYR A 224 7.36 -18.88 0.47
CA TYR A 224 6.24 -18.22 -0.18
C TYR A 224 6.21 -18.51 -1.65
N LEU A 225 7.35 -18.30 -2.28
CA LEU A 225 7.48 -18.56 -3.71
C LEU A 225 7.37 -20.04 -4.02
N ILE A 226 7.97 -20.89 -3.19
CA ILE A 226 7.91 -22.30 -3.46
C ILE A 226 6.47 -22.79 -3.37
N SER A 227 5.77 -22.42 -2.29
CA SER A 227 4.37 -22.79 -2.10
C SER A 227 3.53 -22.31 -3.27
N LEU A 228 3.80 -21.09 -3.73
CA LEU A 228 3.15 -20.62 -4.93
C LEU A 228 3.51 -21.52 -6.10
N ALA A 229 4.78 -21.89 -6.22
CA ALA A 229 5.20 -22.67 -7.38
C ALA A 229 4.63 -24.07 -7.39
N ARG A 230 4.43 -24.67 -6.21
CA ARG A 230 3.87 -26.01 -6.11
C ARG A 230 2.35 -26.02 -6.19
N ASP A 231 1.77 -24.87 -6.53
CA ASP A 231 0.34 -24.66 -6.45
C ASP A 231 -0.25 -25.09 -5.10
N GLU A 232 0.41 -24.68 -4.02
CA GLU A 232 0.00 -25.10 -2.68
C GLU A 232 -0.13 -23.91 -1.78
N TYR A 233 -0.29 -22.74 -2.39
CA TYR A 233 -0.38 -21.52 -1.62
C TYR A 233 -1.76 -21.37 -1.02
N ASN A 234 -1.84 -21.32 0.30
CA ASN A 234 -3.09 -20.93 0.97
C ASN A 234 -2.93 -19.99 2.17
N GLU A 235 -3.25 -18.73 1.95
CA GLU A 235 -3.39 -17.77 3.03
C GLU A 235 -4.85 -17.37 2.95
N PRO A 236 -5.52 -17.40 4.09
CA PRO A 236 -6.97 -17.24 4.11
C PRO A 236 -7.40 -15.81 4.28
N ILE A 237 -8.63 -15.50 3.86
CA ILE A 237 -9.15 -14.15 3.97
C ILE A 237 -9.36 -13.85 5.45
N ARG A 238 -8.76 -12.78 5.95
CA ARG A 238 -8.91 -12.47 7.37
C ARG A 238 -9.31 -11.04 7.52
N THR A 239 -10.26 -10.78 8.41
CA THR A 239 -10.58 -9.39 8.72
C THR A 239 -9.28 -8.80 9.24
N ARG A 240 -8.95 -7.60 8.78
CA ARG A 240 -7.67 -7.02 9.10
C ARG A 240 -7.90 -5.92 10.08
N VAL A 241 -7.06 -5.84 11.11
CA VAL A 241 -7.12 -4.71 12.07
C VAL A 241 -5.82 -3.90 12.08
N ARG A 242 -5.92 -2.58 11.96
CA ARG A 242 -4.70 -1.77 11.93
C ARG A 242 -3.83 -2.16 13.13
N LYS A 243 -2.53 -2.21 12.91
CA LYS A 243 -1.60 -2.57 13.96
C LYS A 243 -0.74 -1.39 14.33
N SER A 244 -0.76 -0.35 13.52
CA SER A 244 -0.05 0.88 13.86
C SER A 244 -0.68 2.10 13.25
N ILE A 245 -0.27 3.27 13.76
CA ILE A 245 -0.73 4.58 13.34
C ILE A 245 0.38 5.57 13.67
N GLY A 246 0.65 6.49 12.77
CA GLY A 246 1.82 7.34 12.92
C GLY A 246 1.75 8.47 11.94
N ARG A 247 2.76 9.32 11.97
CA ARG A 247 2.80 10.47 11.10
C ARG A 247 4.23 10.94 11.08
N ILE A 248 4.72 11.14 9.88
CA ILE A 248 6.05 11.66 9.69
C ILE A 248 5.91 12.83 8.73
N VAL A 249 6.59 13.93 9.05
CA VAL A 249 6.52 15.12 8.20
C VAL A 249 7.92 15.41 7.75
N THR A 250 8.05 16.29 6.76
CA THR A 250 9.38 16.75 6.35
C THR A 250 9.70 18.11 6.96
N MET A 251 10.86 18.21 7.61
CA MET A 251 11.33 19.49 8.14
C MET A 251 11.65 20.44 6.98
N LYS A 252 11.50 21.74 7.23
CA LYS A 252 11.70 22.74 6.17
C LYS A 252 13.16 22.83 5.79
N ARG A 253 14.02 22.44 6.72
CA ARG A 253 15.45 22.35 6.47
C ARG A 253 16.04 21.30 7.39
N ASN A 254 17.10 20.66 6.94
CA ASN A 254 17.67 19.55 7.68
C ASN A 254 18.39 20.02 8.93
N SER A 255 18.47 19.15 9.94
CA SER A 255 19.03 19.56 11.21
C SER A 255 19.46 18.39 12.07
N ARG A 256 20.30 18.69 13.07
CA ARG A 256 20.63 17.78 14.16
C ARG A 256 20.29 18.48 15.48
N ASN A 257 19.81 19.71 15.35
CA ASN A 257 19.48 20.57 16.48
C ASN A 257 18.16 20.20 17.19
N LEU A 258 18.29 19.62 18.38
CA LEU A 258 17.14 19.07 19.10
C LEU A 258 15.91 19.99 19.17
N GLU A 259 16.13 21.27 19.40
CA GLU A 259 14.99 22.18 19.59
C GLU A 259 14.37 22.61 18.27
N GLU A 260 15.12 22.49 17.19
CA GLU A 260 14.60 22.76 15.85
C GLU A 260 13.72 21.60 15.35
N ILE A 261 14.05 20.38 15.79
CA ILE A 261 13.28 19.20 15.42
C ILE A 261 12.10 19.09 16.34
N LYS A 262 12.26 19.58 17.56
CA LYS A 262 11.21 19.44 18.56
C LYS A 262 9.78 19.68 18.03
N PRO A 263 9.51 20.86 17.43
CA PRO A 263 8.17 21.23 16.96
C PRO A 263 7.59 20.32 15.87
N TYR A 264 8.42 19.92 14.92
CA TYR A 264 7.99 18.99 13.87
C TYR A 264 7.57 17.69 14.52
N LEU A 265 8.41 17.16 15.40
CA LEU A 265 8.09 15.97 16.16
C LEU A 265 6.74 16.10 16.92
N PHE A 266 6.46 17.29 17.45
CA PHE A 266 5.27 17.46 18.27
C PHE A 266 3.99 17.53 17.44
N ARG A 267 4.05 18.18 16.28
CA ARG A 267 2.90 18.20 15.39
C ARG A 267 2.56 16.76 14.98
N ALA A 268 3.60 15.97 14.70
CA ALA A 268 3.45 14.56 14.32
C ALA A 268 2.70 13.74 15.38
N ILE A 269 3.03 13.97 16.65
CA ILE A 269 2.30 13.35 17.76
C ILE A 269 0.83 13.82 17.83
N GLU A 270 0.62 15.10 17.65
CA GLU A 270 -0.72 15.64 17.69
C GLU A 270 -1.60 14.97 16.66
N GLU A 271 -1.11 14.86 15.44
CA GLU A 271 -1.85 14.19 14.39
C GLU A 271 -2.04 12.71 14.71
N SER A 272 -0.98 12.04 15.12
CA SER A 272 -1.07 10.62 15.43
C SER A 272 -2.18 10.34 16.45
N TYR A 273 -2.27 11.17 17.47
CA TYR A 273 -3.25 10.95 18.50
C TYR A 273 -4.65 11.26 18.02
N TYR A 274 -4.78 12.29 17.18
CA TYR A 274 -6.03 12.52 16.48
C TYR A 274 -6.46 11.22 15.78
N LYS A 275 -5.57 10.67 14.96
CA LYS A 275 -5.85 9.43 14.25
C LYS A 275 -6.02 8.20 15.14
N LEU A 276 -5.32 8.13 16.25
CA LEU A 276 -5.54 7.00 17.16
C LEU A 276 -7.03 6.86 17.43
N ASP A 277 -7.64 7.97 17.82
CA ASP A 277 -9.07 8.02 18.00
C ASP A 277 -9.59 6.96 18.97
N LYS A 278 -9.16 7.05 20.23
CA LYS A 278 -9.66 6.17 21.27
C LYS A 278 -9.03 4.77 21.23
N ARG A 279 -8.02 4.57 20.39
CA ARG A 279 -7.14 3.41 20.52
C ARG A 279 -5.95 3.77 21.40
N ILE A 280 -5.66 2.94 22.40
CA ILE A 280 -4.62 3.27 23.34
C ILE A 280 -3.35 2.49 23.01
N PRO A 281 -2.33 3.18 22.51
CA PRO A 281 -1.07 2.54 22.18
C PRO A 281 -0.29 2.17 23.43
N LYS A 282 0.44 1.05 23.38
CA LYS A 282 1.41 0.69 24.43
C LYS A 282 2.85 0.93 23.98
N ALA A 283 3.05 1.04 22.67
CA ALA A 283 4.40 1.18 22.13
C ALA A 283 4.49 2.41 21.24
N ILE A 284 5.67 3.02 21.17
CA ILE A 284 5.88 4.21 20.39
C ILE A 284 7.26 4.16 19.76
N HIS A 285 7.37 4.53 18.50
CA HIS A 285 8.67 4.64 17.86
C HIS A 285 8.85 6.03 17.30
N VAL A 286 9.97 6.67 17.62
CA VAL A 286 10.27 7.89 16.89
C VAL A 286 10.97 7.40 15.66
N VAL A 287 10.66 8.01 14.52
CA VAL A 287 11.22 7.59 13.25
C VAL A 287 11.75 8.77 12.45
N ALA A 288 13.06 8.75 12.21
CA ALA A 288 13.73 9.80 11.46
C ALA A 288 14.21 9.29 10.11
N VAL A 289 14.01 10.07 9.06
CA VAL A 289 14.68 9.83 7.80
C VAL A 289 15.92 10.72 7.73
N THR A 290 17.10 10.11 7.67
CA THR A 290 18.37 10.85 7.65
C THR A 290 18.49 11.68 6.39
N GLU A 291 19.50 12.55 6.36
CA GLU A 291 19.65 13.49 5.26
C GLU A 291 19.90 12.79 3.94
N ASP A 292 20.43 11.58 4.03
CA ASP A 292 20.68 10.76 2.84
C ASP A 292 19.57 9.74 2.62
N LEU A 293 18.37 10.09 3.03
CA LEU A 293 17.21 9.21 2.84
C LEU A 293 17.31 7.83 3.50
N ASP A 294 18.17 7.67 4.50
CA ASP A 294 18.14 6.46 5.29
C ASP A 294 17.06 6.56 6.35
N ILE A 295 16.57 5.42 6.84
CA ILE A 295 15.51 5.42 7.84
C ILE A 295 15.96 4.81 9.18
N VAL A 296 16.08 5.65 10.19
CA VAL A 296 16.47 5.25 11.55
C VAL A 296 15.28 5.36 12.51
N SER A 297 15.26 4.53 13.55
CA SER A 297 14.17 4.62 14.52
C SER A 297 14.56 4.08 15.87
N ARG A 298 13.90 4.61 16.90
CA ARG A 298 14.06 4.12 18.26
C ARG A 298 12.69 4.00 18.90
N GLY A 299 12.42 2.87 19.52
CA GLY A 299 11.10 2.64 20.06
C GLY A 299 11.17 2.27 21.52
N ARG A 300 10.00 2.05 22.10
CA ARG A 300 9.88 1.66 23.48
C ARG A 300 8.49 1.09 23.74
N THR A 301 8.42 0.00 24.48
CA THR A 301 7.12 -0.53 24.89
C THR A 301 6.89 -0.31 26.39
N PHE A 302 5.69 0.10 26.76
CA PHE A 302 5.34 0.28 28.17
C PHE A 302 4.44 -0.87 28.58
N PRO A 303 4.30 -1.10 29.90
CA PRO A 303 3.35 -2.06 30.46
C PRO A 303 1.93 -1.50 30.45
N HIS A 304 1.82 -0.21 30.17
CA HIS A 304 0.52 0.44 30.17
C HIS A 304 0.38 1.25 28.90
N GLY A 305 -0.83 1.75 28.67
CA GLY A 305 -1.11 2.64 27.55
C GLY A 305 -0.41 3.96 27.71
N ILE A 306 -0.21 4.66 26.59
CA ILE A 306 0.59 5.88 26.58
C ILE A 306 -0.26 7.13 26.40
N SER A 307 -0.17 8.04 27.37
CA SER A 307 -0.90 9.30 27.29
C SER A 307 -0.14 10.32 26.44
N LYS A 308 -0.86 11.31 25.94
CA LYS A 308 -0.28 12.29 25.05
C LYS A 308 0.99 12.86 25.69
N GLU A 309 0.93 13.11 27.00
CA GLU A 309 2.07 13.71 27.71
C GLU A 309 3.28 12.80 27.79
N THR A 310 3.05 11.55 28.16
CA THR A 310 4.08 10.51 28.09
C THR A 310 4.64 10.34 26.68
N ALA A 311 3.76 10.43 25.67
CA ALA A 311 4.23 10.45 24.27
C ALA A 311 5.23 11.57 24.01
N TYR A 312 4.87 12.78 24.38
CA TYR A 312 5.75 13.93 24.32
C TYR A 312 7.11 13.73 24.97
N SER A 313 7.13 13.34 26.24
CA SER A 313 8.41 13.20 26.93
C SER A 313 9.20 12.07 26.30
N GLU A 314 8.56 10.92 26.18
CA GLU A 314 9.28 9.74 25.73
C GLU A 314 9.84 9.94 24.31
N SER A 315 9.09 10.63 23.46
CA SER A 315 9.55 10.89 22.11
C SER A 315 10.85 11.72 22.08
N VAL A 316 10.98 12.64 23.02
CA VAL A 316 12.20 13.43 23.09
C VAL A 316 13.36 12.51 23.48
N LYS A 317 13.15 11.66 24.49
CA LYS A 317 14.17 10.71 24.90
C LYS A 317 14.58 9.84 23.73
N LEU A 318 13.60 9.39 22.97
CA LEU A 318 13.81 8.56 21.78
C LEU A 318 14.50 9.31 20.65
N LEU A 319 14.06 10.56 20.41
CA LEU A 319 14.73 11.40 19.40
C LEU A 319 16.15 11.69 19.85
N GLN A 320 16.26 12.05 21.13
CA GLN A 320 17.55 12.28 21.72
C GLN A 320 18.45 11.08 21.48
N LYS A 321 17.95 9.89 21.85
CA LYS A 321 18.68 8.64 21.68
C LYS A 321 19.13 8.44 20.24
N ILE A 322 18.26 8.76 19.28
CA ILE A 322 18.62 8.69 17.87
C ILE A 322 19.83 9.59 17.58
N LEU A 323 19.72 10.86 17.99
CA LEU A 323 20.82 11.81 17.90
C LEU A 323 22.13 11.28 18.51
N GLU A 324 22.05 10.81 19.76
CA GLU A 324 23.21 10.25 20.46
C GLU A 324 23.94 9.14 19.66
N GLU A 325 23.18 8.38 18.88
CA GLU A 325 23.70 7.16 18.26
C GLU A 325 23.87 7.23 16.74
N ASP A 326 23.81 8.44 16.18
CA ASP A 326 24.05 8.65 14.76
C ASP A 326 24.46 10.12 14.55
N GLU A 327 25.52 10.36 13.79
CA GLU A 327 25.99 11.74 13.62
C GLU A 327 25.50 12.41 12.33
N ARG A 328 24.56 11.78 11.65
CA ARG A 328 23.94 12.34 10.43
C ARG A 328 22.84 13.35 10.77
N LYS A 329 22.45 14.17 9.78
CA LYS A 329 21.34 15.10 9.92
C LYS A 329 19.98 14.43 9.66
N ILE A 330 18.91 15.01 10.22
CA ILE A 330 17.56 14.49 10.01
C ILE A 330 16.85 15.26 8.90
N ARG A 331 16.08 14.56 8.09
CA ARG A 331 15.36 15.20 7.00
C ARG A 331 13.84 15.15 7.22
N ARG A 332 13.33 13.98 7.61
CA ARG A 332 11.94 13.86 8.01
C ARG A 332 11.96 13.36 9.44
N ILE A 333 10.95 13.70 10.20
CA ILE A 333 10.87 13.19 11.56
C ILE A 333 9.43 12.84 11.84
N GLY A 334 9.23 11.76 12.58
CA GLY A 334 7.89 11.30 12.79
C GLY A 334 7.84 10.33 13.92
N VAL A 335 6.65 9.82 14.14
CA VAL A 335 6.44 8.94 15.26
C VAL A 335 5.45 7.86 14.82
N ARG A 336 5.47 6.72 15.50
CA ARG A 336 4.53 5.67 15.16
C ARG A 336 4.10 4.95 16.43
N PHE A 337 2.80 4.67 16.51
CA PHE A 337 2.22 4.09 17.72
C PHE A 337 1.64 2.72 17.43
N SER A 338 1.91 1.78 18.33
CA SER A 338 1.42 0.41 18.15
C SER A 338 1.13 -0.32 19.45
N LYS A 339 0.81 -1.59 19.33
CA LYS A 339 0.41 -2.43 20.47
C LYS A 339 -0.82 -1.89 21.22
N PHE A 340 -1.91 -1.72 20.48
CA PHE A 340 -3.14 -1.14 21.02
C PHE A 340 -3.85 -1.99 22.09
N ILE A 341 -4.56 -1.34 23.00
CA ILE A 341 -5.15 -2.05 24.13
C ILE A 341 -6.22 -3.08 23.72
PB ATP D . -3.01 1.25 -8.91
O1B ATP D . -4.11 0.57 -8.09
O2B ATP D . -1.67 0.54 -9.23
O3B ATP D . -3.63 1.76 -10.32
PA ATP D . -3.93 3.37 -7.36
O1A ATP D . -3.65 4.74 -7.97
O2A ATP D . -5.32 2.85 -7.66
O3A ATP D . -2.68 2.53 -7.98
O5' ATP D . -3.53 3.30 -5.80
C5' ATP D . -4.50 3.25 -4.78
C4' ATP D . -4.15 4.40 -3.81
O4' ATP D . -2.85 4.23 -3.25
C3' ATP D . -4.07 5.69 -4.60
O3' ATP D . -5.28 6.42 -4.49
C2' ATP D . -2.89 6.47 -4.04
C1' ATP D . -2.18 5.49 -3.12
N9 ATP D . -0.73 5.32 -3.48
C8 ATP D . -0.23 4.38 -4.33
N7 ATP D . 1.10 4.48 -4.42
C5 ATP D . 1.53 5.52 -3.65
C6 ATP D . 2.82 6.16 -3.32
N6 ATP D . 4.00 5.72 -3.85
N1 ATP D . 2.79 7.21 -2.48
C2 ATP D . 1.64 7.68 -1.93
N3 ATP D . 0.43 7.13 -2.18
C4 ATP D . 0.31 6.06 -3.03
CA CA E . -6.19 0.68 -7.06
CA CA F . -3.33 -2.23 -6.26
CA CA G . 6.95 -6.57 -8.40
#